data_3NEE
#
_entry.id   3NEE
#
_cell.length_a   43.516
_cell.length_b   85.161
_cell.length_c   64.044
_cell.angle_alpha   90.000
_cell.angle_beta   90.000
_cell.angle_gamma   90.000
#
_symmetry.space_group_name_H-M   'P 21 21 2'
#
loop_
_entity.id
_entity.type
_entity.pdbx_description
1 polymer Transthyretin
2 non-polymer '{4-[4-hydroxy-3-(1-methylethyl)benzyl]-3,5-dimethylphenoxy}acetic acid'
3 non-polymer GLYCEROL
4 water water
#
_entity_poly.entity_id   1
_entity_poly.type   'polypeptide(L)'
_entity_poly.pdbx_seq_one_letter_code
;CPLMVKVLDAVRGSPAINVAVHVFRKAADDTWEPFASGKTSESGELHGLTTEEEFVEGIYKVEIDTKSYWKALGISPFHE
HAEVVFTANDSGPRRYTIAALLSPYSYSTTAVVTNP
;
_entity_poly.pdbx_strand_id   A,B
#
loop_
_chem_comp.id
_chem_comp.type
_chem_comp.name
_chem_comp.formula
B72 non-polymer '{4-[4-hydroxy-3-(1-methylethyl)benzyl]-3,5-dimethylphenoxy}acetic acid' 'C20 H24 O4'
GOL non-polymer GLYCEROL 'C3 H8 O3'
#
# COMPACT_ATOMS: atom_id res chain seq x y z
N CYS A 1 -21.07 -10.92 3.60
CA CYS A 1 -20.37 -9.65 3.94
C CYS A 1 -19.89 -8.96 2.67
N PRO A 2 -20.08 -7.64 2.61
CA PRO A 2 -19.63 -6.88 1.45
C PRO A 2 -18.13 -6.59 1.43
N LEU A 3 -17.42 -6.98 2.47
CA LEU A 3 -15.96 -6.74 2.51
C LEU A 3 -15.23 -7.93 3.07
N MET A 4 -14.37 -8.53 2.26
CA MET A 4 -13.55 -9.67 2.68
C MET A 4 -12.10 -9.39 2.35
N VAL A 5 -11.20 -9.88 3.20
CA VAL A 5 -9.77 -9.72 2.99
C VAL A 5 -9.14 -11.12 2.93
N LYS A 6 -8.30 -11.34 1.93
CA LYS A 6 -7.63 -12.64 1.77
C LYS A 6 -6.14 -12.38 1.61
N VAL A 7 -5.33 -13.05 2.40
CA VAL A 7 -3.89 -12.76 2.44
C VAL A 7 -3.11 -14.04 2.22
N LEU A 8 -2.18 -13.99 1.27
CA LEU A 8 -1.30 -15.13 0.98
C LEU A 8 0.16 -14.81 1.24
N ASP A 9 0.93 -15.85 1.56
CA ASP A 9 2.38 -15.74 1.84
C ASP A 9 3.12 -16.34 0.63
N ALA A 10 3.87 -15.48 -0.04
CA ALA A 10 4.57 -15.85 -1.28
C ALA A 10 5.89 -16.59 -1.03
N VAL A 11 6.32 -16.64 0.22
CA VAL A 11 7.54 -17.37 0.57
C VAL A 11 7.21 -18.83 0.79
N ARG A 12 6.15 -19.08 1.56
CA ARG A 12 5.79 -20.44 1.93
C ARG A 12 4.75 -21.07 0.99
N GLY A 13 4.08 -20.26 0.17
CA GLY A 13 3.00 -20.75 -0.70
C GLY A 13 1.82 -21.21 0.11
N SER A 14 1.38 -20.34 0.99
CA SER A 14 0.35 -20.71 1.96
CA SER A 14 0.35 -20.70 1.98
C SER A 14 -0.53 -19.50 2.26
N PRO A 15 -1.72 -19.73 2.82
CA PRO A 15 -2.41 -18.58 3.39
C PRO A 15 -1.53 -17.93 4.47
N ALA A 16 -1.71 -16.64 4.66
CA ALA A 16 -1.05 -15.93 5.76
C ALA A 16 -2.05 -15.88 6.90
N ILE A 17 -1.72 -16.66 7.94
CA ILE A 17 -2.61 -16.94 9.07
CA ILE A 17 -2.67 -16.87 9.03
C ILE A 17 -2.35 -15.95 10.21
N ASN A 18 -3.43 -15.56 10.89
N ASN A 18 -3.41 -15.59 10.94
CA ASN A 18 -3.38 -14.72 12.09
CA ASN A 18 -3.29 -14.72 12.12
C ASN A 18 -2.77 -13.34 11.81
C ASN A 18 -2.75 -13.33 11.81
N VAL A 19 -3.03 -12.81 10.62
CA VAL A 19 -2.61 -11.47 10.25
C VAL A 19 -3.66 -10.46 10.73
N ALA A 20 -3.23 -9.47 11.50
CA ALA A 20 -4.18 -8.46 11.99
C ALA A 20 -4.52 -7.50 10.85
N VAL A 21 -5.78 -7.10 10.80
CA VAL A 21 -6.30 -6.22 9.75
C VAL A 21 -7.15 -5.14 10.43
N HIS A 22 -6.87 -3.87 10.14
CA HIS A 22 -7.64 -2.76 10.71
C HIS A 22 -8.26 -1.96 9.59
N VAL A 23 -9.56 -1.68 9.69
CA VAL A 23 -10.25 -0.92 8.64
C VAL A 23 -10.67 0.41 9.22
N PHE A 24 -10.48 1.47 8.43
CA PHE A 24 -10.85 2.83 8.80
C PHE A 24 -11.71 3.44 7.71
N ARG A 25 -12.51 4.43 8.06
CA ARG A 25 -13.33 5.15 7.09
C ARG A 25 -13.10 6.62 7.29
N LYS A 26 -12.91 7.35 6.19
CA LYS A 26 -12.64 8.78 6.28
C LYS A 26 -13.92 9.52 6.68
N ALA A 27 -13.82 10.31 7.75
CA ALA A 27 -14.94 11.09 8.25
C ALA A 27 -15.14 12.39 7.46
N ALA A 28 -16.25 13.06 7.74
CA ALA A 28 -16.57 14.34 7.09
C ALA A 28 -15.50 15.41 7.34
N ASP A 29 -14.78 15.29 8.45
CA ASP A 29 -13.71 16.23 8.78
C ASP A 29 -12.32 15.77 8.28
N ASP A 30 -12.31 14.75 7.44
CA ASP A 30 -11.07 14.26 6.81
C ASP A 30 -10.15 13.42 7.69
N THR A 31 -10.59 13.06 8.89
CA THR A 31 -9.82 12.15 9.74
C THR A 31 -10.21 10.69 9.44
N TRP A 32 -9.30 9.76 9.77
CA TRP A 32 -9.58 8.30 9.71
C TRP A 32 -10.22 7.77 10.98
N GLU A 33 -11.49 7.40 10.86
CA GLU A 33 -12.25 6.83 11.99
C GLU A 33 -12.16 5.30 11.96
N PRO A 34 -11.88 4.67 13.11
CA PRO A 34 -11.87 3.19 13.15
C PRO A 34 -13.23 2.64 12.73
N PHE A 35 -13.22 1.67 11.83
CA PHE A 35 -14.42 1.09 11.22
C PHE A 35 -14.65 -0.36 11.64
N ALA A 36 -13.62 -1.19 11.55
CA ALA A 36 -13.65 -2.58 11.95
C ALA A 36 -12.24 -3.15 11.99
N SER A 37 -12.10 -4.31 12.61
CA SER A 37 -10.84 -5.01 12.66
C SER A 37 -11.04 -6.48 12.87
N GLY A 38 -9.99 -7.24 12.58
CA GLY A 38 -10.03 -8.68 12.78
C GLY A 38 -8.69 -9.29 12.43
N LYS A 39 -8.64 -10.62 12.44
CA LYS A 39 -7.44 -11.28 11.98
C LYS A 39 -7.75 -12.41 11.04
N THR A 40 -6.84 -12.69 10.14
CA THR A 40 -7.07 -13.77 9.19
C THR A 40 -7.10 -15.15 9.85
N SER A 41 -7.95 -15.99 9.26
CA SER A 41 -8.13 -17.36 9.69
C SER A 41 -7.04 -18.28 9.15
N GLU A 42 -7.22 -19.58 9.40
CA GLU A 42 -6.32 -20.62 8.89
C GLU A 42 -6.29 -20.66 7.36
N SER A 43 -7.33 -20.11 6.73
CA SER A 43 -7.39 -20.05 5.27
CA SER A 43 -7.40 -20.04 5.27
C SER A 43 -6.89 -18.72 4.75
N GLY A 44 -6.38 -17.87 5.65
CA GLY A 44 -5.88 -16.53 5.29
C GLY A 44 -6.99 -15.53 4.98
N GLU A 45 -8.21 -15.85 5.41
N GLU A 45 -8.21 -15.84 5.44
CA GLU A 45 -9.39 -15.02 5.09
CA GLU A 45 -9.38 -15.03 5.10
C GLU A 45 -9.92 -14.34 6.32
C GLU A 45 -9.92 -14.34 6.33
N LEU A 46 -10.49 -13.16 6.12
CA LEU A 46 -11.16 -12.42 7.19
C LEU A 46 -12.51 -11.98 6.66
N HIS A 47 -13.54 -12.58 7.26
CA HIS A 47 -14.94 -12.40 6.92
C HIS A 47 -15.61 -11.66 8.05
N GLY A 48 -16.81 -11.16 7.79
CA GLY A 48 -17.64 -10.57 8.84
C GLY A 48 -17.23 -9.20 9.38
N LEU A 49 -16.37 -8.49 8.64
CA LEU A 49 -15.93 -7.15 9.07
C LEU A 49 -17.08 -6.15 9.16
N THR A 50 -18.03 -6.29 8.27
CA THR A 50 -19.10 -5.32 8.18
C THR A 50 -20.38 -5.89 7.61
N THR A 51 -21.37 -5.03 7.45
CA THR A 51 -22.64 -5.41 6.91
C THR A 51 -23.05 -4.48 5.80
N GLU A 52 -24.00 -4.91 5.00
CA GLU A 52 -24.56 -4.10 3.96
C GLU A 52 -25.08 -2.75 4.46
N GLU A 53 -25.64 -2.74 5.64
CA GLU A 53 -26.24 -1.54 6.19
C GLU A 53 -25.16 -0.55 6.59
N GLU A 54 -24.10 -1.07 7.17
CA GLU A 54 -23.09 -0.24 7.74
C GLU A 54 -22.09 0.29 6.72
N PHE A 55 -21.87 -0.47 5.70
CA PHE A 55 -20.84 -0.23 4.71
C PHE A 55 -21.37 0.72 3.66
N VAL A 56 -21.52 1.94 4.07
CA VAL A 56 -22.06 2.95 3.17
C VAL A 56 -20.95 3.48 2.23
N GLU A 57 -21.31 4.38 1.32
N GLU A 57 -21.31 4.37 1.32
CA GLU A 57 -20.33 5.07 0.50
CA GLU A 57 -20.35 5.10 0.51
C GLU A 57 -19.29 5.75 1.38
C GLU A 57 -19.29 5.75 1.39
N GLY A 58 -18.05 5.75 0.92
CA GLY A 58 -17.00 6.44 1.65
C GLY A 58 -15.64 6.06 1.15
N ILE A 59 -14.61 6.65 1.74
CA ILE A 59 -13.23 6.27 1.44
C ILE A 59 -12.79 5.42 2.61
N TYR A 60 -12.34 4.19 2.28
CA TYR A 60 -11.95 3.21 3.29
C TYR A 60 -10.50 2.91 3.19
N LYS A 61 -9.90 2.62 4.33
CA LYS A 61 -8.51 2.16 4.40
C LYS A 61 -8.46 0.81 5.08
N VAL A 62 -7.83 -0.15 4.42
CA VAL A 62 -7.60 -1.46 5.00
C VAL A 62 -6.10 -1.59 5.26
N GLU A 63 -5.73 -1.67 6.53
N GLU A 63 -5.71 -1.63 6.55
CA GLU A 63 -4.33 -1.72 6.90
CA GLU A 63 -4.31 -1.72 6.92
C GLU A 63 -4.02 -3.11 7.40
C GLU A 63 -4.02 -3.12 7.40
N ILE A 64 -3.14 -3.81 6.69
CA ILE A 64 -2.85 -5.20 6.99
C ILE A 64 -1.50 -5.20 7.69
N ASP A 65 -1.43 -5.78 8.89
CA ASP A 65 -0.22 -5.74 9.71
C ASP A 65 0.78 -6.82 9.26
N THR A 66 1.41 -6.54 8.14
CA THR A 66 2.36 -7.46 7.56
C THR A 66 3.64 -7.53 8.38
N LYS A 67 4.04 -6.42 9.03
CA LYS A 67 5.30 -6.43 9.76
C LYS A 67 5.25 -7.44 10.92
N SER A 68 4.16 -7.46 11.68
CA SER A 68 4.04 -8.43 12.78
C SER A 68 4.05 -9.86 12.28
N TYR A 69 3.42 -10.07 11.12
CA TYR A 69 3.40 -11.39 10.49
C TYR A 69 4.83 -11.89 10.23
N TRP A 70 5.62 -11.07 9.56
CA TRP A 70 6.99 -11.49 9.22
C TRP A 70 7.86 -11.62 10.45
N LYS A 71 7.71 -10.70 11.40
CA LYS A 71 8.52 -10.73 12.63
CA LYS A 71 8.53 -10.74 12.61
C LYS A 71 8.30 -12.02 13.40
N ALA A 72 7.05 -12.49 13.41
CA ALA A 72 6.75 -13.75 14.12
C ALA A 72 7.39 -14.98 13.46
N LEU A 73 7.73 -14.85 12.19
CA LEU A 73 8.44 -15.88 11.44
C LEU A 73 9.96 -15.67 11.45
N GLY A 74 10.42 -14.69 12.23
CA GLY A 74 11.86 -14.41 12.38
C GLY A 74 12.44 -13.47 11.35
N ILE A 75 11.57 -12.89 10.52
CA ILE A 75 11.99 -12.05 9.40
C ILE A 75 11.77 -10.56 9.71
N SER A 76 12.77 -9.73 9.40
CA SER A 76 12.62 -8.26 9.51
C SER A 76 12.26 -7.72 8.13
N PRO A 77 10.98 -7.42 7.91
CA PRO A 77 10.54 -7.08 6.56
C PRO A 77 10.72 -5.60 6.27
N PHE A 78 10.47 -5.24 5.02
CA PHE A 78 10.68 -3.84 4.64
C PHE A 78 9.52 -2.95 5.10
N HIS A 79 8.30 -3.39 4.81
CA HIS A 79 7.14 -2.53 5.04
C HIS A 79 6.62 -2.59 6.46
N GLU A 80 6.07 -1.47 6.93
CA GLU A 80 5.40 -1.47 8.24
C GLU A 80 4.05 -2.20 8.17
N HIS A 81 3.42 -2.10 7.01
CA HIS A 81 2.12 -2.70 6.77
C HIS A 81 1.83 -2.59 5.29
N ALA A 82 0.72 -3.17 4.87
CA ALA A 82 0.17 -2.94 3.56
C ALA A 82 -1.14 -2.18 3.77
N GLU A 83 -1.30 -1.02 3.14
CA GLU A 83 -2.49 -0.23 3.37
CA GLU A 83 -2.49 -0.23 3.37
C GLU A 83 -3.25 0.02 2.07
C GLU A 83 -3.25 0.02 2.07
N VAL A 84 -4.40 -0.60 1.91
CA VAL A 84 -5.15 -0.33 0.67
C VAL A 84 -6.33 0.63 0.88
N VAL A 85 -6.30 1.73 0.13
CA VAL A 85 -7.21 2.86 0.30
C VAL A 85 -8.06 2.96 -0.94
N PHE A 86 -9.36 3.11 -0.75
CA PHE A 86 -10.28 3.08 -1.90
C PHE A 86 -11.62 3.68 -1.60
N THR A 87 -12.26 4.23 -2.63
CA THR A 87 -13.65 4.67 -2.52
C THR A 87 -14.55 3.46 -2.72
N ALA A 88 -15.53 3.28 -1.85
CA ALA A 88 -16.42 2.14 -1.95
C ALA A 88 -17.84 2.59 -2.22
N ASN A 89 -18.57 1.79 -2.99
CA ASN A 89 -20.02 1.91 -3.15
C ASN A 89 -20.48 3.17 -3.89
N ASP A 90 -19.58 3.78 -4.66
CA ASP A 90 -19.96 5.05 -5.26
C ASP A 90 -20.95 4.93 -6.42
N SER A 91 -21.09 3.74 -6.99
CA SER A 91 -22.12 3.51 -8.03
C SER A 91 -23.14 2.50 -7.48
N GLY A 92 -23.30 2.45 -6.18
CA GLY A 92 -24.16 1.47 -5.55
C GLY A 92 -23.40 0.43 -4.76
N PRO A 93 -24.10 -0.33 -3.95
CA PRO A 93 -23.45 -1.38 -3.16
C PRO A 93 -22.74 -2.45 -4.00
N ARG A 94 -21.52 -2.78 -3.61
CA ARG A 94 -20.77 -3.85 -4.21
C ARG A 94 -20.16 -4.72 -3.12
N ARG A 95 -19.73 -5.90 -3.51
CA ARG A 95 -18.94 -6.77 -2.68
C ARG A 95 -17.45 -6.62 -3.07
N TYR A 96 -16.61 -6.45 -2.08
CA TYR A 96 -15.18 -6.23 -2.30
C TYR A 96 -14.38 -7.32 -1.65
N THR A 97 -13.50 -7.96 -2.42
CA THR A 97 -12.49 -8.82 -1.86
C THR A 97 -11.17 -8.11 -2.07
N ILE A 98 -10.47 -7.86 -0.98
CA ILE A 98 -9.14 -7.29 -1.02
C ILE A 98 -8.16 -8.43 -0.84
N ALA A 99 -7.41 -8.73 -1.90
CA ALA A 99 -6.44 -9.81 -1.90
C ALA A 99 -5.04 -9.22 -1.78
N ALA A 100 -4.24 -9.77 -0.88
CA ALA A 100 -2.86 -9.30 -0.70
C ALA A 100 -1.92 -10.49 -0.79
N LEU A 101 -0.78 -10.28 -1.44
CA LEU A 101 0.25 -11.31 -1.59
C LEU A 101 1.51 -10.75 -0.98
N LEU A 102 2.04 -11.45 0.03
CA LEU A 102 3.12 -10.89 0.85
C LEU A 102 4.47 -11.56 0.63
N SER A 103 5.52 -10.74 0.49
CA SER A 103 6.93 -11.19 0.60
C SER A 103 7.63 -10.22 1.53
N PRO A 104 8.82 -10.62 2.04
CA PRO A 104 9.44 -9.72 3.02
C PRO A 104 9.73 -8.32 2.52
N TYR A 105 10.08 -8.17 1.25
CA TYR A 105 10.40 -6.85 0.69
C TYR A 105 9.42 -6.38 -0.41
N SER A 106 8.26 -7.04 -0.51
CA SER A 106 7.32 -6.73 -1.57
C SER A 106 5.93 -7.14 -1.18
N TYR A 107 4.92 -6.40 -1.64
N TYR A 107 4.94 -6.36 -1.59
CA TYR A 107 3.57 -6.93 -1.56
CA TYR A 107 3.58 -6.85 -1.54
C TYR A 107 2.77 -6.50 -2.77
C TYR A 107 2.81 -6.38 -2.74
N SER A 108 1.75 -7.27 -3.12
N SER A 108 1.74 -7.13 -3.05
CA SER A 108 0.84 -6.81 -4.13
CA SER A 108 0.77 -6.79 -4.09
C SER A 108 -0.50 -6.92 -3.53
C SER A 108 -0.63 -6.75 -3.46
N THR A 109 -1.38 -6.08 -4.06
N THR A 109 -1.47 -5.80 -3.86
CA THR A 109 -2.76 -6.11 -3.65
CA THR A 109 -2.87 -5.85 -3.47
C THR A 109 -3.67 -5.90 -4.83
C THR A 109 -3.73 -5.78 -4.74
N THR A 110 -4.82 -6.55 -4.77
CA THR A 110 -5.74 -6.57 -5.87
CA THR A 110 -5.76 -6.48 -5.91
C THR A 110 -7.14 -6.51 -5.30
N ALA A 111 -8.05 -5.89 -6.02
CA ALA A 111 -9.46 -5.89 -5.59
C ALA A 111 -10.29 -6.66 -6.59
N VAL A 112 -11.17 -7.50 -6.07
CA VAL A 112 -12.19 -8.15 -6.87
C VAL A 112 -13.50 -7.55 -6.43
N VAL A 113 -14.16 -6.88 -7.36
CA VAL A 113 -15.36 -6.12 -7.03
C VAL A 113 -16.51 -6.72 -7.83
N THR A 114 -17.53 -7.16 -7.13
CA THR A 114 -18.66 -7.80 -7.78
C THR A 114 -19.99 -7.16 -7.39
N ASN A 115 -20.98 -7.34 -8.25
CA ASN A 115 -22.28 -6.72 -8.03
C ASN A 115 -23.20 -7.80 -7.50
N PRO A 116 -23.67 -7.65 -6.22
CA PRO A 116 -24.29 -8.72 -5.40
C PRO A 116 -25.62 -9.27 -5.93
N CYS B 1 21.02 9.53 -4.87
CA CYS B 1 20.24 9.92 -3.67
C CYS B 1 19.96 8.64 -2.87
N PRO B 2 19.65 8.78 -1.57
CA PRO B 2 19.32 7.59 -0.79
C PRO B 2 17.94 7.02 -1.09
N LEU B 3 17.10 7.76 -1.80
CA LEU B 3 15.73 7.31 -2.08
C LEU B 3 15.37 7.63 -3.52
N MET B 4 14.95 6.62 -4.27
CA MET B 4 14.49 6.78 -5.64
C MET B 4 13.18 6.01 -5.76
N VAL B 5 12.30 6.50 -6.62
CA VAL B 5 11.03 5.83 -6.89
C VAL B 5 10.93 5.55 -8.38
N LYS B 6 10.54 4.33 -8.73
CA LYS B 6 10.38 3.94 -10.13
C LYS B 6 9.01 3.30 -10.31
N VAL B 7 8.24 3.81 -11.27
CA VAL B 7 6.85 3.40 -11.44
C VAL B 7 6.60 2.92 -12.87
N LEU B 8 6.00 1.73 -12.99
CA LEU B 8 5.67 1.14 -14.27
C LEU B 8 4.16 0.96 -14.42
N ASP B 9 3.71 0.98 -15.66
CA ASP B 9 2.31 0.87 -16.04
C ASP B 9 2.13 -0.47 -16.73
N ALA B 10 1.37 -1.34 -16.08
CA ALA B 10 1.15 -2.72 -16.53
C ALA B 10 0.08 -2.83 -17.62
N VAL B 11 -0.62 -1.75 -17.91
CA VAL B 11 -1.65 -1.73 -18.96
C VAL B 11 -1.00 -1.34 -20.28
N ARG B 12 -0.17 -0.30 -20.25
CA ARG B 12 0.47 0.21 -21.45
C ARG B 12 1.85 -0.43 -21.69
N GLY B 13 2.42 -1.05 -20.67
CA GLY B 13 3.78 -1.62 -20.80
C GLY B 13 4.84 -0.55 -20.94
N SER B 14 4.77 0.41 -20.04
CA SER B 14 5.60 1.59 -20.18
C SER B 14 5.95 2.12 -18.80
N PRO B 15 6.96 3.00 -18.71
CA PRO B 15 7.07 3.77 -17.47
C PRO B 15 5.77 4.53 -17.23
N ALA B 16 5.44 4.75 -15.96
CA ALA B 16 4.32 5.61 -15.62
C ALA B 16 4.83 7.02 -15.44
N ILE B 17 4.47 7.86 -16.40
CA ILE B 17 5.03 9.21 -16.52
C ILE B 17 4.13 10.24 -15.88
N ASN B 18 4.76 11.26 -15.28
N ASN B 18 4.76 11.25 -15.26
CA ASN B 18 4.04 12.37 -14.64
CA ASN B 18 4.07 12.37 -14.66
C ASN B 18 3.13 11.94 -13.49
C ASN B 18 3.14 11.95 -13.51
N VAL B 19 3.57 10.94 -12.75
CA VAL B 19 2.83 10.50 -11.57
C VAL B 19 3.35 11.32 -10.39
N ALA B 20 2.43 11.92 -9.64
CA ALA B 20 2.80 12.68 -8.45
C ALA B 20 3.14 11.70 -7.32
N VAL B 21 4.22 12.01 -6.61
CA VAL B 21 4.68 11.21 -5.49
C VAL B 21 4.97 12.16 -4.32
N HIS B 22 4.43 11.86 -3.14
CA HIS B 22 4.70 12.61 -1.93
C HIS B 22 5.35 11.72 -0.88
N VAL B 23 6.35 12.25 -0.20
CA VAL B 23 7.05 11.53 0.86
C VAL B 23 6.78 12.25 2.17
N PHE B 24 6.52 11.46 3.20
CA PHE B 24 6.20 11.97 4.53
C PHE B 24 7.09 11.25 5.53
N ARG B 25 7.37 11.93 6.64
CA ARG B 25 8.08 11.31 7.76
CA ARG B 25 8.06 11.31 7.75
C ARG B 25 7.15 11.35 8.96
N LYS B 26 7.12 10.26 9.71
CA LYS B 26 6.26 10.17 10.90
C LYS B 26 6.85 11.04 12.00
N ALA B 27 6.04 11.97 12.49
CA ALA B 27 6.43 12.88 13.55
C ALA B 27 6.26 12.21 14.92
N ALA B 28 6.78 12.88 15.94
CA ALA B 28 6.72 12.37 17.31
C ALA B 28 5.28 12.19 17.78
N ASP B 29 4.36 13.02 17.29
CA ASP B 29 2.94 12.91 17.65
C ASP B 29 2.15 11.89 16.79
N ASP B 30 2.88 11.13 15.97
CA ASP B 30 2.28 10.10 15.09
C ASP B 30 1.57 10.64 13.85
N THR B 31 1.65 11.94 13.62
CA THR B 31 1.16 12.51 12.37
C THR B 31 2.21 12.39 11.28
N TRP B 32 1.75 12.49 10.03
CA TRP B 32 2.65 12.45 8.88
C TRP B 32 3.04 13.84 8.41
N GLU B 33 4.32 14.14 8.50
CA GLU B 33 4.82 15.46 8.09
C GLU B 33 5.35 15.36 6.66
N PRO B 34 4.84 16.22 5.74
CA PRO B 34 5.36 16.25 4.37
C PRO B 34 6.82 16.58 4.39
N PHE B 35 7.56 15.88 3.54
N PHE B 35 7.61 15.97 3.54
CA PHE B 35 9.03 15.81 3.57
CA PHE B 35 8.93 16.55 3.43
C PHE B 35 9.62 16.22 2.21
C PHE B 35 9.58 16.49 2.06
N ALA B 36 9.02 15.71 1.14
CA ALA B 36 9.48 15.84 -0.25
C ALA B 36 8.39 15.40 -1.18
N SER B 37 8.46 15.87 -2.42
CA SER B 37 7.56 15.37 -3.47
C SER B 37 8.15 15.64 -4.84
N GLY B 38 7.52 15.05 -5.86
CA GLY B 38 7.92 15.27 -7.25
C GLY B 38 6.97 14.54 -8.19
N LYS B 39 7.26 14.60 -9.48
CA LYS B 39 6.51 13.81 -10.45
C LYS B 39 7.50 12.90 -11.16
N THR B 40 7.08 11.69 -11.50
CA THR B 40 7.98 10.80 -12.25
C THR B 40 8.27 11.35 -13.65
N SER B 41 9.49 11.04 -14.09
CA SER B 41 10.04 11.45 -15.38
C SER B 41 9.49 10.62 -16.53
N GLU B 42 9.97 10.92 -17.73
CA GLU B 42 9.63 10.12 -18.91
C GLU B 42 10.08 8.66 -18.77
N SER B 43 10.97 8.38 -17.83
CA SER B 43 11.41 7.00 -17.61
C SER B 43 10.72 6.42 -16.37
N GLY B 44 9.72 7.13 -15.86
CA GLY B 44 8.99 6.66 -14.67
C GLY B 44 9.76 6.77 -13.38
N GLU B 45 10.76 7.64 -13.35
N GLU B 45 10.81 7.59 -13.37
CA GLU B 45 11.66 7.74 -12.22
CA GLU B 45 11.70 7.70 -12.21
C GLU B 45 11.54 9.07 -11.51
C GLU B 45 11.59 9.05 -11.52
N LEU B 46 11.77 9.02 -10.21
CA LEU B 46 11.83 10.23 -9.43
C LEU B 46 13.06 10.15 -8.54
N HIS B 47 14.00 11.04 -8.85
CA HIS B 47 15.28 11.14 -8.15
C HIS B 47 15.33 12.45 -7.36
N GLY B 48 16.31 12.54 -6.47
CA GLY B 48 16.60 13.80 -5.80
C GLY B 48 15.62 14.22 -4.72
N LEU B 49 14.85 13.27 -4.20
CA LEU B 49 13.86 13.60 -3.16
C LEU B 49 14.52 14.05 -1.86
N THR B 50 15.63 13.44 -1.52
CA THR B 50 16.29 13.74 -0.26
C THR B 50 17.81 13.63 -0.39
N THR B 51 18.51 13.87 0.70
CA THR B 51 19.96 13.76 0.73
C THR B 51 20.31 12.80 1.84
N GLU B 52 21.53 12.29 1.80
N GLU B 52 21.53 12.28 1.79
CA GLU B 52 22.02 11.37 2.81
CA GLU B 52 22.07 11.41 2.83
C GLU B 52 21.98 12.00 4.24
C GLU B 52 21.93 12.01 4.23
N GLU B 53 22.22 13.31 4.33
CA GLU B 53 22.21 14.00 5.62
C GLU B 53 20.80 14.10 6.19
N GLU B 54 19.84 14.41 5.31
CA GLU B 54 18.47 14.63 5.74
C GLU B 54 17.71 13.35 6.05
N PHE B 55 18.08 12.28 5.37
CA PHE B 55 17.28 11.07 5.37
C PHE B 55 17.72 10.18 6.56
N VAL B 56 17.42 10.65 7.75
CA VAL B 56 17.81 9.99 8.99
C VAL B 56 16.84 8.84 9.25
N GLU B 57 17.19 7.99 10.22
N GLU B 57 17.19 7.99 10.22
CA GLU B 57 16.32 6.88 10.63
CA GLU B 57 16.29 6.92 10.63
C GLU B 57 14.96 7.39 11.11
C GLU B 57 14.92 7.52 10.94
N GLY B 58 13.90 6.73 10.68
CA GLY B 58 12.54 7.13 11.01
C GLY B 58 11.61 6.28 10.18
N ILE B 59 10.32 6.52 10.36
CA ILE B 59 9.31 5.87 9.57
C ILE B 59 8.86 6.82 8.47
N TYR B 60 8.88 6.32 7.23
CA TYR B 60 8.58 7.14 6.07
C TYR B 60 7.41 6.57 5.31
N LYS B 61 6.66 7.44 4.64
CA LYS B 61 5.55 7.03 3.80
C LYS B 61 5.76 7.63 2.42
N VAL B 62 5.73 6.78 1.40
CA VAL B 62 5.74 7.25 0.03
C VAL B 62 4.35 7.02 -0.54
N GLU B 63 3.69 8.11 -0.89
N GLU B 63 3.68 8.11 -0.89
CA GLU B 63 2.34 8.07 -1.45
CA GLU B 63 2.33 8.04 -1.43
C GLU B 63 2.38 8.37 -2.93
C GLU B 63 2.35 8.38 -2.92
N ILE B 64 1.93 7.42 -3.74
CA ILE B 64 1.99 7.54 -5.19
C ILE B 64 0.57 7.78 -5.68
N ASP B 65 0.36 8.91 -6.36
CA ASP B 65 -1.00 9.31 -6.76
C ASP B 65 -1.44 8.55 -8.02
N THR B 66 -1.83 7.30 -7.80
CA THR B 66 -2.21 6.40 -8.88
C THR B 66 -3.53 6.79 -9.47
N LYS B 67 -4.44 7.30 -8.63
CA LYS B 67 -5.77 7.66 -9.10
C LYS B 67 -5.72 8.75 -10.16
N SER B 68 -4.93 9.81 -9.95
CA SER B 68 -4.80 10.89 -10.96
C SER B 68 -4.20 10.35 -12.25
N TYR B 69 -3.29 9.38 -12.12
CA TYR B 69 -2.63 8.80 -13.29
C TYR B 69 -3.67 8.06 -14.15
N TRP B 70 -4.46 7.20 -13.52
CA TRP B 70 -5.49 6.45 -14.27
C TRP B 70 -6.54 7.39 -14.82
N LYS B 71 -6.92 8.41 -14.04
CA LYS B 71 -7.87 9.42 -14.51
C LYS B 71 -7.36 10.12 -15.78
N ALA B 72 -6.06 10.42 -15.82
CA ALA B 72 -5.45 11.08 -16.98
C ALA B 72 -5.51 10.19 -18.23
N LEU B 73 -5.58 8.88 -18.01
N LEU B 73 -5.55 8.87 -18.03
CA LEU B 73 -5.65 7.89 -19.11
CA LEU B 73 -5.64 7.88 -19.11
C LEU B 73 -7.07 7.44 -19.44
C LEU B 73 -7.08 7.50 -19.50
N GLY B 74 -8.06 7.99 -18.75
CA GLY B 74 -9.45 7.63 -18.97
C GLY B 74 -9.83 6.21 -18.57
N ILE B 75 -9.15 5.70 -17.54
CA ILE B 75 -9.36 4.34 -17.09
C ILE B 75 -9.81 4.39 -15.62
N SER B 76 -10.91 3.71 -15.29
CA SER B 76 -11.45 3.71 -13.92
C SER B 76 -10.54 2.98 -12.97
N PRO B 77 -10.06 3.66 -11.91
CA PRO B 77 -9.17 2.97 -10.98
C PRO B 77 -9.86 2.58 -9.70
N PHE B 78 -9.26 1.63 -8.98
CA PHE B 78 -9.77 1.22 -7.68
C PHE B 78 -9.22 2.06 -6.53
N HIS B 79 -7.89 2.17 -6.45
CA HIS B 79 -7.26 2.75 -5.26
C HIS B 79 -7.24 4.27 -5.33
N GLU B 80 -7.28 4.91 -4.17
CA GLU B 80 -7.05 6.35 -4.10
C GLU B 80 -5.59 6.69 -4.43
N HIS B 81 -4.70 5.82 -3.98
CA HIS B 81 -3.29 5.95 -4.18
C HIS B 81 -2.62 4.65 -3.77
N ALA B 82 -1.32 4.57 -3.95
CA ALA B 82 -0.55 3.48 -3.41
C ALA B 82 0.37 4.06 -2.36
N GLU B 83 0.29 3.58 -1.13
N GLU B 83 0.29 3.58 -1.13
CA GLU B 83 1.11 4.05 -0.03
CA GLU B 83 1.11 4.05 -0.03
C GLU B 83 2.17 3.00 0.21
C GLU B 83 2.17 3.00 0.21
N VAL B 84 3.32 3.42 0.70
CA VAL B 84 4.43 2.49 0.85
C VAL B 84 5.02 3.03 2.15
N VAL B 85 4.92 2.27 3.24
CA VAL B 85 5.35 2.74 4.54
C VAL B 85 6.44 1.83 5.09
N PHE B 86 7.55 2.44 5.49
CA PHE B 86 8.70 1.69 5.90
C PHE B 86 9.58 2.39 6.92
N THR B 87 10.34 1.61 7.67
CA THR B 87 11.36 2.20 8.55
C THR B 87 12.67 2.23 7.81
N ALA B 88 13.32 3.39 7.81
CA ALA B 88 14.62 3.58 7.17
C ALA B 88 15.67 3.32 8.22
N ASN B 89 16.68 2.52 7.91
CA ASN B 89 17.52 1.96 8.98
C ASN B 89 18.99 2.01 8.69
N ASP B 90 19.75 2.64 9.56
CA ASP B 90 21.15 2.89 9.26
C ASP B 90 22.08 1.69 9.10
N SER B 91 21.82 0.60 9.83
CA SER B 91 22.76 -0.53 9.87
C SER B 91 22.82 -1.27 8.56
N GLY B 92 21.73 -1.21 7.82
CA GLY B 92 21.65 -2.00 6.62
C GLY B 92 22.21 -1.23 5.45
N PRO B 93 21.92 -1.72 4.25
CA PRO B 93 22.30 -0.98 3.08
C PRO B 93 21.44 0.26 3.18
N ARG B 94 21.75 1.31 2.49
N ARG B 94 21.74 1.31 2.47
CA ARG B 94 20.84 2.40 2.71
CA ARG B 94 20.83 2.38 2.67
C ARG B 94 20.40 3.22 1.50
C ARG B 94 20.39 3.20 1.49
N ARG B 95 20.68 2.73 0.27
CA ARG B 95 20.03 3.31 -0.91
C ARG B 95 18.78 2.50 -1.12
N TYR B 96 17.66 3.20 -1.17
CA TYR B 96 16.34 2.58 -1.36
C TYR B 96 15.76 2.93 -2.70
N THR B 97 15.38 1.91 -3.47
CA THR B 97 14.56 2.13 -4.65
C THR B 97 13.20 1.53 -4.37
N ILE B 98 12.16 2.36 -4.47
CA ILE B 98 10.79 1.89 -4.28
C ILE B 98 10.25 1.69 -5.69
N ALA B 99 10.04 0.43 -6.05
CA ALA B 99 9.55 0.09 -7.37
C ALA B 99 8.07 -0.23 -7.25
N ALA B 100 7.27 0.35 -8.12
CA ALA B 100 5.82 0.11 -8.10
C ALA B 100 5.36 -0.25 -9.50
N LEU B 101 4.44 -1.21 -9.55
CA LEU B 101 3.87 -1.70 -10.78
C LEU B 101 2.38 -1.48 -10.69
N LEU B 102 1.83 -0.71 -11.62
CA LEU B 102 0.45 -0.23 -11.50
C LEU B 102 -0.48 -0.87 -12.49
N SER B 103 -1.62 -1.35 -11.97
CA SER B 103 -2.78 -1.69 -12.81
C SER B 103 -4.01 -0.98 -12.25
N PRO B 104 -5.09 -0.88 -13.03
CA PRO B 104 -6.22 -0.10 -12.49
C PRO B 104 -6.80 -0.65 -11.18
N TYR B 105 -6.81 -1.98 -11.01
N TYR B 105 -6.82 -1.98 -10.99
CA TYR B 105 -7.38 -2.61 -9.81
CA TYR B 105 -7.37 -2.59 -9.77
C TYR B 105 -6.36 -3.38 -8.98
C TYR B 105 -6.35 -3.33 -8.93
N SER B 106 -5.08 -3.13 -9.22
CA SER B 106 -4.01 -3.82 -8.51
C SER B 106 -2.74 -3.03 -8.55
N TYR B 107 -1.94 -3.10 -7.49
N TYR B 107 -1.97 -3.08 -7.48
CA TYR B 107 -0.56 -2.64 -7.59
CA TYR B 107 -0.61 -2.63 -7.57
C TYR B 107 0.37 -3.51 -6.78
C TYR B 107 0.30 -3.50 -6.74
N SER B 108 1.66 -3.52 -7.14
N SER B 108 1.58 -3.46 -7.12
CA SER B 108 2.63 -4.19 -6.30
CA SER B 108 2.66 -4.14 -6.40
C SER B 108 3.72 -3.19 -6.05
C SER B 108 3.72 -3.11 -6.05
N THR B 109 4.36 -3.36 -4.92
N THR B 109 4.29 -3.21 -4.85
CA THR B 109 5.49 -2.52 -4.64
CA THR B 109 5.44 -2.38 -4.50
C THR B 109 6.58 -3.36 -4.04
C THR B 109 6.58 -3.28 -3.95
N THR B 110 7.80 -3.01 -4.38
CA THR B 110 8.96 -3.76 -3.85
CA THR B 110 8.97 -3.75 -3.95
C THR B 110 10.04 -2.76 -3.53
N ALA B 111 10.85 -3.12 -2.56
CA ALA B 111 11.99 -2.27 -2.19
C ALA B 111 13.27 -2.97 -2.64
N VAL B 112 14.13 -2.20 -3.30
CA VAL B 112 15.46 -2.68 -3.65
C VAL B 112 16.40 -1.88 -2.78
N VAL B 113 17.04 -2.55 -1.84
CA VAL B 113 17.84 -1.89 -0.80
C VAL B 113 19.26 -2.34 -0.97
N THR B 114 20.16 -1.40 -1.30
CA THR B 114 21.52 -1.80 -1.70
C THR B 114 22.62 -1.00 -1.02
N ASN B 115 23.88 -1.45 -1.23
CA ASN B 115 25.16 -0.98 -0.65
C ASN B 115 25.13 -0.46 0.78
O1 B72 C . -9.98 -21.29 -2.84
C20 B72 C . -10.85 -20.52 -3.31
O2 B72 C . -11.54 -20.76 -4.33
C19 B72 C . -11.11 -19.19 -2.63
O3 B72 C . -11.30 -18.20 -3.67
C1 B72 C . -10.16 -17.46 -3.72
C2 B72 C . -8.95 -18.12 -3.70
C3 B72 C . -7.76 -17.40 -3.74
C17 B72 C . -6.42 -18.16 -3.72
C4 B72 C . -7.77 -16.01 -3.80
C5 B72 C . -9.00 -15.35 -3.81
C6 B72 C . -10.20 -16.07 -3.77
C18 B72 C . -9.04 -13.82 -3.87
C7 B72 C . -6.43 -15.26 -3.82
C8 B72 C . -5.92 -14.83 -5.20
C13 B72 C . -4.88 -13.91 -5.25
C12 B72 C . -4.36 -13.49 -6.47
C14 B72 C . -3.21 -12.46 -6.51
C16 B72 C . -3.41 -11.45 -5.38
C15 B72 C . -1.88 -13.17 -6.33
C11 B72 C . -4.89 -14.01 -7.64
O4 B72 C . -4.39 -13.59 -8.83
C10 B72 C . -5.92 -14.93 -7.60
C9 B72 C . -6.44 -15.37 -6.38
C1 GOL D . -21.95 8.04 -6.81
O1 GOL D . -23.14 7.51 -7.22
C2 GOL D . -22.28 8.84 -5.57
O2 GOL D . -21.10 9.20 -4.94
C3 GOL D . -22.89 10.05 -6.17
O3 GOL D . -23.27 9.79 -7.52
O1 B72 E . 17.14 0.31 -17.50
C20 B72 E . 17.04 0.44 -16.26
O2 B72 E . 16.85 1.54 -15.68
C19 B72 E . 17.15 -0.82 -15.41
O3 B72 E . 16.99 -0.49 -14.03
C1 B72 E . 15.71 -0.74 -13.64
C2 B72 E . 15.37 -0.64 -12.30
C3 B72 E . 14.06 -0.90 -11.89
C17 B72 E . 13.68 -0.80 -10.41
C4 B72 E . 13.09 -1.25 -12.82
C5 B72 E . 13.44 -1.34 -14.17
C6 B72 E . 14.75 -1.09 -14.58
C18 B72 E . 12.37 -1.75 -15.18
C7 B72 E . 11.66 -1.53 -12.39
C8 B72 E . 11.47 -2.99 -11.99
C13 B72 E . 10.31 -3.32 -11.30
C12 B72 E . 10.08 -4.63 -10.92
C14 B72 E . 8.79 -4.97 -10.17
C16 B72 E . 8.18 -3.68 -9.59
C15 B72 E . 7.78 -5.61 -11.11
C11 B72 E . 11.01 -5.60 -11.21
O4 B72 E . 10.75 -6.87 -10.81
C10 B72 E . 12.18 -5.30 -11.91
C9 B72 E . 12.41 -3.98 -12.30
#